data_1X7A
#
_entry.id   1X7A
#
_cell.length_a   129.0
_cell.length_b   129.0
_cell.length_c   71.3
_cell.angle_alpha   90.0
_cell.angle_beta   90.0
_cell.angle_gamma   90.0
#
_symmetry.space_group_name_H-M   'P 41 21 2'
#
loop_
_entity.id
_entity.type
_entity.pdbx_description
1 polymer 'Coagulation Factor IXa'
2 polymer 'Coagulation Factor IX, light chain'
3 non-polymer 1-{3-[AMINO(IMINO)METHYL]PHENYL}-N-[4-(1H-BENZIMIDAZOL-1-YL)-2-FLUOROPHENYL]-3-(TRIFLUOROMETHYL)-1H-PYRAZOLE-5-CARBOXAMIDE
#
loop_
_entity_poly.entity_id
_entity_poly.type
_entity_poly.pdbx_seq_one_letter_code
_entity_poly.pdbx_strand_id
1 'polypeptide(L)'
;IVGGENAKPGQFPWQVLLNGKIDAFCGGSIINEKWVVTAAHCIEPGVKITVVAGEYNTEETEPTEQRRNVIRAIPHHSYN
ATVNKYSHDIALLELDEPLTLNSYVTPICIADKEYTNIFLKFGSGYVSGWGRVFNRGRSATILQYLKVPLVDRATCLRST
KFTIYSNMFCAGFHEGGKDSCQGDSGGPHVTEVEGTSFLTGIISWGEECAVKGKYGIYTKVSRYVNWIKEKTKLT
;
C
2 'polypeptide(L)'
;YNSGKLEEFVRGNLERECIEEKCSFEEAREVFENTEKTNEFWKQYVDGDQCEPNPCLNGGLCKDDINSYECWCQVGFEGK
NCELDATCNIKNGRCKQFCKTGADSKVLCSCTTGYRLAPDQKSCKPAVPFPCGRVSVSHSPTTLTR
;
L
#
loop_
_chem_comp.id
_chem_comp.type
_chem_comp.name
_chem_comp.formula
187 non-polymer 1-{3-[AMINO(IMINO)METHYL]PHENYL}-N-[4-(1H-BENZIMIDAZOL-1-YL)-2-FLUOROPHENYL]-3-(TRIFLUOROMETHYL)-1H-PYRAZOLE-5-CARBOXAMIDE 'C25 H17 F4 N7 O'
#
# COMPACT_ATOMS: atom_id res chain seq x y z
N ILE A 1 -13.88 9.91 -5.44
CA ILE A 1 -13.54 10.13 -4.00
C ILE A 1 -14.00 11.51 -3.59
N VAL A 2 -14.97 11.55 -2.67
CA VAL A 2 -15.53 12.80 -2.16
C VAL A 2 -14.55 13.50 -1.22
N GLY A 3 -14.29 14.77 -1.48
CA GLY A 3 -13.43 15.54 -0.61
C GLY A 3 -11.96 15.36 -0.95
N GLY A 4 -11.70 14.61 -2.01
CA GLY A 4 -10.34 14.45 -2.48
C GLY A 4 -9.92 15.58 -3.40
N GLU A 5 -8.80 15.38 -4.07
CA GLU A 5 -8.32 16.30 -5.08
C GLU A 5 -8.16 15.39 -6.29
N ASN A 6 -8.13 15.97 -7.49
CA ASN A 6 -7.84 15.18 -8.70
C ASN A 6 -6.47 14.53 -8.51
N ALA A 7 -6.34 13.28 -8.90
CA ALA A 7 -5.02 12.67 -8.93
C ALA A 7 -4.44 13.08 -10.27
N LYS A 8 -3.16 12.79 -10.48
CA LYS A 8 -2.46 13.19 -11.70
C LYS A 8 -2.02 11.93 -12.39
N PRO A 9 -1.93 11.97 -13.65
CA PRO A 9 -1.63 10.77 -14.45
C PRO A 9 -0.26 10.19 -14.16
N GLY A 10 -0.18 8.86 -14.15
CA GLY A 10 1.10 8.17 -13.97
C GLY A 10 1.57 8.10 -12.54
N GLN A 11 0.87 8.82 -11.68
CA GLN A 11 1.22 8.89 -10.27
C GLN A 11 0.56 7.79 -9.43
N PHE A 12 -0.48 7.14 -9.96
CA PHE A 12 -1.12 6.06 -9.20
C PHE A 12 -1.15 4.70 -9.93
N PRO A 13 -0.03 4.10 -10.14
CA PRO A 13 0.07 3.02 -11.13
C PRO A 13 -0.32 1.64 -10.60
N TRP A 14 -1.06 1.57 -9.51
CA TRP A 14 -1.56 0.29 -8.97
C TRP A 14 -3.09 0.27 -9.00
N GLN A 15 -3.62 1.38 -9.48
CA GLN A 15 -5.02 1.68 -9.43
C GLN A 15 -5.80 1.00 -10.58
N VAL A 16 -5.88 -0.33 -10.55
CA VAL A 16 -6.86 -1.07 -11.38
C VAL A 16 -8.25 -0.44 -11.14
N LEU A 17 -9.08 -0.41 -12.18
CA LEU A 17 -10.51 -0.06 -12.01
C LEU A 17 -11.35 -1.22 -12.44
N LEU A 18 -12.20 -1.70 -11.53
CA LEU A 18 -12.89 -2.93 -11.75
C LEU A 18 -14.18 -2.67 -12.47
N ASN A 19 -14.26 -3.26 -13.67
CA ASN A 19 -15.34 -3.03 -14.63
C ASN A 19 -16.26 -4.21 -14.69
N GLY A 20 -17.53 -3.95 -14.43
CA GLY A 20 -18.54 -4.96 -14.66
C GLY A 20 -19.91 -4.32 -14.52
N LYS A 21 -20.96 -5.15 -14.55
CA LYS A 21 -22.36 -4.72 -14.53
C LYS A 21 -22.56 -3.43 -13.74
N ILE A 22 -22.35 -2.36 -14.54
CA ILE A 22 -22.66 -0.96 -14.25
C ILE A 22 -21.57 -0.03 -14.77
N ASP A 23 -20.33 -0.52 -14.87
CA ASP A 23 -19.23 0.25 -15.40
C ASP A 23 -18.78 1.23 -14.34
N ALA A 24 -17.51 1.10 -13.94
CA ALA A 24 -17.02 1.74 -12.71
C ALA A 24 -17.80 1.21 -11.50
N PHE A 25 -17.25 0.19 -10.85
CA PHE A 25 -17.99 -0.51 -9.80
C PHE A 25 -17.13 -0.86 -8.58
N CYS A 26 -15.85 -1.11 -8.82
CA CYS A 26 -14.90 -1.30 -7.76
C CYS A 26 -13.50 -0.95 -8.25
N GLY A 27 -12.63 -0.49 -7.36
CA GLY A 27 -11.25 -0.28 -7.72
C GLY A 27 -10.45 -1.52 -7.34
N GLY A 28 -9.14 -1.46 -7.60
CA GLY A 28 -8.30 -2.61 -7.31
C GLY A 28 -6.83 -2.26 -7.38
N SER A 29 -6.02 -3.11 -6.79
CA SER A 29 -4.63 -2.79 -6.59
C SER A 29 -3.79 -3.93 -7.15
N ILE A 30 -3.03 -3.63 -8.21
CA ILE A 30 -2.24 -4.63 -8.90
C ILE A 30 -1.30 -5.32 -7.94
N ILE A 31 -1.69 -6.44 -7.35
CA ILE A 31 -0.77 -7.19 -6.52
C ILE A 31 0.39 -7.68 -7.35
N ASN A 32 0.23 -7.65 -8.67
CA ASN A 32 1.32 -7.89 -9.63
C ASN A 32 0.76 -8.17 -11.02
N GLU A 33 1.61 -8.07 -12.02
CA GLU A 33 1.20 -8.13 -13.44
C GLU A 33 0.22 -9.23 -13.86
N LYS A 34 0.13 -10.30 -13.08
CA LYS A 34 -0.79 -11.39 -13.41
C LYS A 34 -2.03 -11.52 -12.48
N TRP A 35 -2.04 -10.82 -11.35
CA TRP A 35 -3.17 -10.87 -10.42
C TRP A 35 -3.47 -9.48 -9.83
N VAL A 36 -4.70 -8.98 -9.90
CA VAL A 36 -5.07 -7.80 -9.10
C VAL A 36 -6.03 -8.13 -7.97
N VAL A 37 -6.14 -7.24 -6.98
CA VAL A 37 -6.80 -7.56 -5.72
C VAL A 37 -7.73 -6.43 -5.28
N THR A 38 -8.74 -6.80 -4.50
CA THR A 38 -10.00 -6.05 -4.42
C THR A 38 -10.83 -6.58 -3.25
N ALA A 39 -11.79 -5.78 -2.79
CA ALA A 39 -12.76 -6.27 -1.81
C ALA A 39 -13.63 -7.40 -2.37
N ALA A 40 -13.78 -8.45 -1.55
CA ALA A 40 -14.60 -9.64 -1.89
C ALA A 40 -16.02 -9.32 -2.29
N HIS A 41 -16.64 -8.36 -1.59
CA HIS A 41 -17.95 -7.91 -1.99
C HIS A 41 -17.97 -7.14 -3.34
N CYS A 42 -17.20 -7.59 -4.30
CA CYS A 42 -17.36 -7.12 -5.67
C CYS A 42 -17.43 -8.34 -6.58
N ILE A 43 -17.54 -9.49 -5.95
CA ILE A 43 -17.58 -10.77 -6.61
C ILE A 43 -19.07 -11.15 -6.66
N GLU A 44 -19.73 -10.85 -7.78
CA GLU A 44 -21.14 -11.24 -7.95
C GLU A 44 -21.32 -12.55 -8.73
N PRO A 45 -22.19 -13.39 -8.27
CA PRO A 45 -22.66 -14.49 -9.10
C PRO A 45 -23.16 -13.97 -10.44
N GLY A 46 -22.47 -14.35 -11.49
CA GLY A 46 -22.95 -13.91 -12.78
C GLY A 46 -22.08 -12.92 -13.52
N VAL A 47 -21.54 -11.89 -12.86
CA VAL A 47 -20.80 -10.88 -13.62
C VAL A 47 -19.47 -11.44 -14.01
N LYS A 48 -18.96 -10.91 -15.10
CA LYS A 48 -17.68 -11.35 -15.63
C LYS A 48 -16.85 -10.08 -15.72
N ILE A 49 -15.85 -9.93 -14.85
CA ILE A 49 -15.18 -8.63 -14.71
C ILE A 49 -13.89 -8.38 -15.45
N THR A 50 -13.62 -7.10 -15.64
CA THR A 50 -12.55 -6.66 -16.51
C THR A 50 -11.69 -5.54 -15.88
N VAL A 51 -10.47 -5.88 -15.46
CA VAL A 51 -9.56 -4.93 -14.85
C VAL A 51 -9.14 -3.92 -15.90
N VAL A 52 -9.48 -2.67 -15.68
CA VAL A 52 -8.96 -1.60 -16.52
C VAL A 52 -7.70 -1.03 -15.83
N ALA A 53 -6.52 -1.39 -16.35
CA ALA A 53 -5.24 -0.89 -15.83
C ALA A 53 -5.12 0.58 -16.16
N GLY A 54 -4.16 0.95 -16.97
CA GLY A 54 -3.77 2.36 -17.03
C GLY A 54 -4.82 3.40 -17.38
N GLU A 55 -5.75 3.66 -16.47
CA GLU A 55 -6.89 4.52 -16.75
C GLU A 55 -6.68 5.86 -16.06
N TYR A 56 -7.05 6.96 -16.71
CA TYR A 56 -6.97 8.26 -16.06
C TYR A 56 -8.30 9.03 -16.10
N ASN A 57 -8.71 9.46 -17.29
CA ASN A 57 -9.97 10.17 -17.43
C ASN A 57 -10.99 9.26 -18.08
N THR A 58 -11.98 8.78 -17.33
CA THR A 58 -12.87 7.72 -17.84
C THR A 58 -13.64 8.21 -19.06
N GLU A 59 -14.09 9.46 -19.00
CA GLU A 59 -14.74 10.09 -20.15
C GLU A 59 -13.89 10.18 -21.42
N GLU A 60 -12.75 9.47 -21.44
CA GLU A 60 -11.81 9.52 -22.54
C GLU A 60 -10.73 8.43 -22.48
N THR A 61 -10.04 8.24 -23.59
CA THR A 61 -9.50 6.93 -23.91
C THR A 61 -7.98 6.98 -23.97
N GLU A 62 -7.37 6.47 -22.90
CA GLU A 62 -5.94 6.60 -22.68
C GLU A 62 -5.16 5.39 -23.19
N PRO A 63 -4.23 5.63 -24.01
CA PRO A 63 -3.14 4.75 -24.44
C PRO A 63 -2.43 3.87 -23.39
N THR A 64 -2.61 4.15 -22.10
CA THR A 64 -1.99 3.29 -21.09
C THR A 64 -2.89 2.18 -20.62
N GLU A 65 -4.20 2.33 -20.89
CA GLU A 65 -5.21 1.33 -20.51
C GLU A 65 -4.78 -0.05 -20.98
N GLN A 66 -5.04 -1.04 -20.16
CA GLN A 66 -4.72 -2.41 -20.48
C GLN A 66 -5.85 -3.11 -19.77
N ARG A 67 -6.85 -3.58 -20.51
CA ARG A 67 -7.92 -4.31 -19.82
C ARG A 67 -7.48 -5.74 -19.89
N ARG A 68 -7.89 -6.47 -18.87
CA ARG A 68 -7.93 -7.92 -18.94
C ARG A 68 -9.33 -8.33 -18.51
N ASN A 69 -9.61 -9.61 -18.58
CA ASN A 69 -10.87 -10.12 -18.09
C ASN A 69 -10.42 -11.10 -17.02
N VAL A 70 -11.20 -11.15 -15.93
CA VAL A 70 -10.81 -11.94 -14.78
C VAL A 70 -10.99 -13.39 -15.14
N ILE A 71 -9.87 -14.11 -15.30
CA ILE A 71 -9.88 -15.55 -15.58
C ILE A 71 -10.32 -16.38 -14.38
N ARG A 72 -10.15 -15.86 -13.17
CA ARG A 72 -10.82 -16.43 -12.01
C ARG A 72 -10.61 -15.50 -10.84
N ALA A 73 -11.36 -15.66 -9.75
CA ALA A 73 -11.46 -14.61 -8.73
C ALA A 73 -11.58 -15.15 -7.32
N ILE A 74 -10.45 -15.43 -6.68
CA ILE A 74 -10.48 -16.04 -5.35
C ILE A 74 -10.95 -14.97 -4.38
N PRO A 75 -11.72 -15.33 -3.44
CA PRO A 75 -11.70 -14.58 -2.18
C PRO A 75 -11.22 -15.42 -0.98
N HIS A 76 -11.00 -14.74 0.13
CA HIS A 76 -10.30 -15.34 1.25
C HIS A 76 -11.06 -16.58 1.70
N HIS A 77 -10.32 -17.48 2.34
CA HIS A 77 -10.87 -18.67 2.97
C HIS A 77 -11.80 -18.35 4.15
N SER A 78 -12.27 -17.11 4.22
CA SER A 78 -13.26 -16.75 5.22
C SER A 78 -13.98 -15.47 4.80
N TYR A 79 -14.57 -15.42 3.60
CA TYR A 79 -15.23 -14.17 3.20
C TYR A 79 -16.45 -13.87 4.04
N ASN A 80 -17.57 -14.53 3.69
CA ASN A 80 -18.80 -14.53 4.50
C ASN A 80 -19.45 -15.90 4.34
N ALA A 81 -19.88 -16.50 5.43
CA ALA A 81 -20.67 -17.71 5.33
C ALA A 81 -22.16 -17.37 5.41
N THR A 82 -22.60 -16.48 4.52
CA THR A 82 -23.94 -15.88 4.57
C THR A 82 -24.05 -14.90 5.75
N VAL A 83 -22.99 -14.84 6.56
CA VAL A 83 -22.94 -14.00 7.75
C VAL A 83 -22.06 -12.79 7.47
N ASN A 84 -22.50 -11.62 7.92
CA ASN A 84 -21.71 -10.39 7.89
C ASN A 84 -20.69 -10.33 6.74
N LYS A 85 -21.13 -9.81 5.59
CA LYS A 85 -20.43 -10.07 4.36
C LYS A 85 -19.43 -8.98 4.03
N TYR A 86 -19.09 -8.17 5.02
CA TYR A 86 -18.07 -7.15 4.81
C TYR A 86 -16.97 -7.29 5.84
N SER A 87 -16.61 -8.49 6.26
CA SER A 87 -15.55 -8.60 7.26
C SER A 87 -14.20 -8.66 6.55
N HIS A 88 -13.95 -9.81 5.93
CA HIS A 88 -12.71 -10.04 5.24
C HIS A 88 -12.97 -9.56 3.82
N ASP A 89 -13.42 -8.32 3.70
CA ASP A 89 -13.72 -7.75 2.41
C ASP A 89 -12.43 -7.67 1.57
N ILE A 90 -12.07 -8.80 0.94
CA ILE A 90 -10.78 -8.97 0.27
C ILE A 90 -10.92 -10.07 -0.78
N ALA A 91 -10.08 -10.05 -1.82
CA ALA A 91 -10.14 -11.06 -2.86
C ALA A 91 -9.09 -10.80 -3.94
N LEU A 92 -8.63 -11.86 -4.62
CA LEU A 92 -7.77 -11.72 -5.81
C LEU A 92 -8.47 -12.08 -7.13
N LEU A 93 -8.30 -11.21 -8.10
CA LEU A 93 -8.71 -11.50 -9.45
C LEU A 93 -7.48 -11.92 -10.24
N GLU A 94 -7.40 -13.17 -10.68
CA GLU A 94 -6.36 -13.56 -11.63
C GLU A 94 -6.73 -12.95 -12.96
N LEU A 95 -5.81 -12.19 -13.56
CA LEU A 95 -6.04 -11.73 -14.91
C LEU A 95 -5.73 -12.91 -15.81
N ASP A 96 -6.27 -12.89 -17.03
CA ASP A 96 -6.10 -14.00 -17.98
C ASP A 96 -4.80 -13.88 -18.76
N GLU A 97 -4.61 -12.71 -19.36
CA GLU A 97 -3.38 -12.40 -20.06
C GLU A 97 -2.58 -11.41 -19.21
N PRO A 98 -1.39 -11.71 -18.93
CA PRO A 98 -0.57 -10.89 -18.01
C PRO A 98 -0.43 -9.45 -18.49
N LEU A 99 -0.50 -8.49 -17.56
CA LEU A 99 -0.43 -7.07 -17.88
C LEU A 99 1.01 -6.70 -18.26
N THR A 100 1.18 -5.83 -19.24
CA THR A 100 2.54 -5.42 -19.55
C THR A 100 2.91 -4.38 -18.53
N LEU A 101 3.94 -4.67 -17.71
CA LEU A 101 4.32 -3.78 -16.60
C LEU A 101 5.00 -2.53 -17.09
N ASN A 102 4.50 -1.40 -16.65
CA ASN A 102 5.11 -0.14 -16.99
C ASN A 102 4.80 0.97 -15.98
N SER A 103 5.23 2.19 -16.32
CA SER A 103 5.14 3.32 -15.41
C SER A 103 3.71 3.73 -15.17
N TYR A 104 2.78 3.20 -15.94
CA TYR A 104 1.39 3.36 -15.60
C TYR A 104 0.79 2.05 -15.14
N VAL A 105 1.44 0.93 -15.43
CA VAL A 105 1.04 -0.33 -14.81
C VAL A 105 2.13 -0.88 -13.94
N THR A 106 1.96 -0.67 -12.64
CA THR A 106 2.94 -0.96 -11.61
C THR A 106 2.26 -1.50 -10.37
N PRO A 107 2.64 -2.59 -9.94
CA PRO A 107 2.07 -3.20 -8.73
C PRO A 107 2.30 -2.38 -7.43
N ILE A 108 1.37 -2.39 -6.47
CA ILE A 108 1.71 -1.84 -5.15
C ILE A 108 2.42 -2.91 -4.34
N CYS A 109 3.03 -2.52 -3.23
CA CYS A 109 3.91 -3.41 -2.50
C CYS A 109 3.11 -3.99 -1.34
N ILE A 110 3.33 -5.27 -1.05
CA ILE A 110 2.57 -6.00 -0.04
C ILE A 110 3.56 -6.43 1.03
N ALA A 111 3.63 -5.64 2.10
CA ALA A 111 4.64 -5.84 3.12
C ALA A 111 4.09 -6.81 4.13
N ASP A 112 4.96 -7.68 4.63
CA ASP A 112 4.59 -8.76 5.55
C ASP A 112 3.69 -8.34 6.73
N LYS A 113 3.28 -9.33 7.53
CA LYS A 113 2.36 -9.11 8.63
C LYS A 113 2.86 -8.00 9.55
N GLU A 114 4.06 -8.21 10.09
CA GLU A 114 4.63 -7.29 11.06
C GLU A 114 4.83 -5.86 10.55
N TYR A 115 5.17 -5.69 9.27
CA TYR A 115 5.46 -4.35 8.74
C TYR A 115 4.26 -3.59 8.14
N THR A 116 3.36 -4.30 7.45
CA THR A 116 2.16 -3.65 6.92
C THR A 116 1.41 -2.94 8.05
N ASN A 117 1.34 -3.56 9.22
CA ASN A 117 0.71 -2.86 10.32
C ASN A 117 1.48 -1.59 10.68
N ILE A 118 2.82 -1.65 10.67
CA ILE A 118 3.64 -0.50 11.09
C ILE A 118 3.35 0.69 10.17
N PHE A 119 3.32 0.42 8.87
CA PHE A 119 2.99 1.46 7.90
C PHE A 119 1.58 1.98 8.16
N LEU A 120 0.70 1.04 8.53
CA LEU A 120 -0.70 1.32 8.81
C LEU A 120 -0.80 2.21 10.02
N LYS A 121 0.02 1.91 11.01
CA LYS A 121 0.09 2.73 12.20
C LYS A 121 1.18 3.80 12.05
N PHE A 122 1.17 4.51 10.92
CA PHE A 122 1.81 5.83 10.85
C PHE A 122 0.73 6.88 10.62
N GLY A 123 -0.50 6.41 10.44
CA GLY A 123 -1.66 7.27 10.57
C GLY A 123 -2.01 8.30 9.51
N SER A 124 -1.64 8.07 8.26
CA SER A 124 -2.28 8.78 7.15
C SER A 124 -1.92 8.08 5.87
N GLY A 125 -2.92 7.86 5.02
CA GLY A 125 -2.74 6.98 3.88
C GLY A 125 -3.39 7.57 2.65
N TYR A 126 -2.94 7.16 1.49
CA TYR A 126 -3.44 7.74 0.29
C TYR A 126 -4.46 6.80 -0.32
N VAL A 127 -5.71 7.22 -0.12
CA VAL A 127 -6.89 6.53 -0.63
C VAL A 127 -7.18 7.15 -2.02
N SER A 128 -7.52 6.32 -3.00
CA SER A 128 -7.71 6.80 -4.38
C SER A 128 -8.83 6.03 -5.09
N GLY A 129 -9.29 6.56 -6.24
CA GLY A 129 -10.40 5.93 -6.95
C GLY A 129 -11.45 6.81 -7.64
N TRP A 130 -12.23 6.17 -8.52
CA TRP A 130 -13.13 6.87 -9.43
C TRP A 130 -14.53 7.03 -8.86
N GLY A 131 -14.70 6.62 -7.61
CA GLY A 131 -16.02 6.56 -7.01
C GLY A 131 -16.70 7.91 -6.91
N ARG A 132 -17.86 7.89 -6.26
CA ARG A 132 -18.68 9.07 -6.01
C ARG A 132 -17.84 10.30 -5.66
N VAL A 133 -18.24 11.45 -6.20
CA VAL A 133 -17.55 12.72 -5.94
C VAL A 133 -18.24 13.44 -4.77
N PHE A 134 -19.50 13.10 -4.56
CA PHE A 134 -20.28 13.71 -3.52
C PHE A 134 -21.16 12.63 -2.90
N ASN A 135 -21.78 12.94 -1.77
CA ASN A 135 -22.41 11.92 -0.98
C ASN A 135 -23.71 11.50 -1.62
N ARG A 136 -23.67 10.39 -2.33
CA ARG A 136 -24.73 10.01 -3.26
C ARG A 136 -24.83 11.06 -4.37
N GLY A 137 -24.11 10.84 -5.47
CA GLY A 137 -24.23 11.69 -6.62
C GLY A 137 -22.90 12.04 -7.26
N ARG A 138 -22.83 11.85 -8.57
CA ARG A 138 -21.64 12.18 -9.36
C ARG A 138 -20.49 11.23 -9.06
N SER A 139 -19.97 10.56 -10.09
CA SER A 139 -18.83 9.68 -9.91
C SER A 139 -17.64 10.31 -10.56
N ALA A 140 -16.47 10.03 -10.01
CA ALA A 140 -15.23 10.59 -10.52
C ALA A 140 -14.82 9.90 -11.83
N THR A 141 -14.98 10.60 -12.95
CA THR A 141 -14.31 10.23 -14.20
C THR A 141 -12.78 10.18 -14.16
N ILE A 142 -12.13 11.28 -13.74
CA ILE A 142 -10.65 11.33 -13.69
C ILE A 142 -10.13 11.05 -12.30
N LEU A 143 -9.38 9.95 -12.18
CA LEU A 143 -9.01 9.36 -10.90
C LEU A 143 -8.89 10.32 -9.73
N GLN A 144 -9.67 10.08 -8.66
CA GLN A 144 -9.63 10.89 -7.42
C GLN A 144 -8.74 10.29 -6.33
N TYR A 145 -8.07 11.14 -5.54
CA TYR A 145 -7.35 10.64 -4.38
C TYR A 145 -7.55 11.52 -3.16
N LEU A 146 -7.15 10.98 -2.02
CA LEU A 146 -7.43 11.58 -0.72
C LEU A 146 -6.50 11.00 0.34
N LYS A 147 -6.11 11.83 1.29
CA LYS A 147 -5.31 11.36 2.41
C LYS A 147 -6.20 11.14 3.65
N VAL A 148 -5.96 10.03 4.33
CA VAL A 148 -6.77 9.71 5.46
C VAL A 148 -5.98 9.41 6.72
N PRO A 149 -6.18 10.20 7.73
CA PRO A 149 -5.58 10.01 9.06
C PRO A 149 -6.19 8.78 9.69
N LEU A 150 -5.41 8.00 10.41
CA LEU A 150 -5.98 6.85 11.11
C LEU A 150 -6.83 7.34 12.26
N VAL A 151 -8.03 6.77 12.37
CA VAL A 151 -8.96 7.14 13.43
C VAL A 151 -9.25 5.92 14.30
N ASP A 152 -9.15 6.13 15.60
CA ASP A 152 -8.91 5.08 16.57
C ASP A 152 -10.09 4.13 16.75
N ARG A 153 -9.79 2.94 17.25
CA ARG A 153 -10.79 1.88 17.39
C ARG A 153 -11.89 2.36 18.31
N ALA A 154 -11.47 2.89 19.46
CA ALA A 154 -12.40 3.25 20.51
C ALA A 154 -13.43 4.25 20.02
N THR A 155 -12.98 5.29 19.31
CA THR A 155 -13.88 6.31 18.81
C THR A 155 -14.78 5.83 17.67
N CYS A 156 -14.20 5.07 16.75
CA CYS A 156 -14.92 4.70 15.54
C CYS A 156 -16.04 3.70 15.89
N LEU A 157 -15.79 2.86 16.87
CA LEU A 157 -16.86 2.10 17.51
C LEU A 157 -17.96 3.05 17.93
N ARG A 158 -17.58 4.25 18.35
CA ARG A 158 -18.57 5.19 18.89
C ARG A 158 -19.42 5.87 17.81
N SER A 159 -19.09 5.61 16.55
CA SER A 159 -19.84 6.21 15.46
C SER A 159 -20.68 5.18 14.70
N THR A 160 -20.61 3.93 15.14
CA THR A 160 -21.26 2.85 14.41
C THR A 160 -22.63 2.47 14.94
N LYS A 161 -23.42 1.93 14.04
CA LYS A 161 -24.35 0.87 14.40
C LYS A 161 -23.55 -0.44 14.43
N PHE A 162 -22.85 -0.72 13.34
CA PHE A 162 -22.47 -2.09 13.01
C PHE A 162 -21.24 -2.62 13.75
N THR A 163 -21.02 -3.94 13.67
CA THR A 163 -19.86 -4.59 14.29
C THR A 163 -18.58 -4.38 13.45
N ILE A 164 -17.68 -3.58 14.00
CA ILE A 164 -16.35 -3.33 13.44
C ILE A 164 -15.40 -4.30 14.12
N TYR A 165 -15.12 -5.44 13.49
CA TYR A 165 -14.21 -6.41 14.10
C TYR A 165 -12.76 -5.93 13.87
N SER A 166 -11.79 -6.86 13.93
CA SER A 166 -10.36 -6.50 13.90
C SER A 166 -9.69 -6.61 12.52
N ASN A 167 -10.33 -7.32 11.61
CA ASN A 167 -9.81 -7.42 10.24
C ASN A 167 -10.14 -6.15 9.48
N MET A 168 -10.77 -5.21 10.18
CA MET A 168 -10.99 -3.90 9.62
C MET A 168 -10.41 -2.87 10.60
N PHE A 169 -10.28 -1.65 10.11
CA PHE A 169 -9.81 -0.55 10.89
C PHE A 169 -10.48 0.68 10.32
N CYS A 170 -10.56 1.74 11.10
CA CYS A 170 -11.41 2.86 10.73
C CYS A 170 -10.50 3.98 10.36
N ALA A 171 -10.94 4.86 9.47
CA ALA A 171 -10.14 6.03 9.14
C ALA A 171 -10.97 7.03 8.37
N GLY A 172 -10.63 8.29 8.51
CA GLY A 172 -11.36 9.32 7.78
C GLY A 172 -11.23 10.64 8.52
N PHE A 173 -12.24 11.49 8.40
CA PHE A 173 -12.21 12.74 9.12
C PHE A 173 -13.19 12.84 10.29
N HIS A 174 -12.67 13.33 11.41
CA HIS A 174 -13.50 13.57 12.56
C HIS A 174 -14.53 14.63 12.18
N GLU A 175 -14.08 15.81 11.77
CA GLU A 175 -14.98 16.78 11.15
C GLU A 175 -15.38 16.20 9.80
N GLY A 176 -16.65 15.82 9.69
CA GLY A 176 -17.08 15.12 8.48
C GLY A 176 -16.88 16.02 7.30
N GLY A 177 -16.57 15.43 6.14
CA GLY A 177 -16.51 16.21 4.91
C GLY A 177 -15.70 15.62 3.78
N LYS A 178 -14.98 14.52 4.05
CA LYS A 178 -14.19 13.85 3.01
C LYS A 178 -13.83 12.41 3.36
N ASP A 179 -14.13 11.50 2.42
CA ASP A 179 -13.98 10.05 2.61
C ASP A 179 -13.90 9.35 1.24
N SER A 180 -13.66 8.05 1.25
CA SER A 180 -13.83 7.26 0.03
C SER A 180 -15.32 7.16 -0.24
N CYS A 181 -15.77 6.09 -0.89
CA CYS A 181 -17.19 5.94 -1.20
C CYS A 181 -17.49 4.70 -2.04
N GLN A 182 -18.78 4.38 -2.12
CA GLN A 182 -19.32 3.47 -3.12
C GLN A 182 -18.68 3.83 -4.47
N GLY A 183 -18.20 2.83 -5.19
CA GLY A 183 -17.49 3.11 -6.42
C GLY A 183 -15.99 3.29 -6.23
N ASP A 184 -15.60 3.80 -5.08
CA ASP A 184 -14.21 3.64 -4.65
C ASP A 184 -13.97 2.23 -4.11
N SER A 185 -15.04 1.52 -3.79
CA SER A 185 -14.92 0.25 -3.07
C SER A 185 -13.88 -0.66 -3.67
N GLY A 186 -13.01 -1.20 -2.84
CA GLY A 186 -11.96 -2.07 -3.32
C GLY A 186 -10.69 -1.31 -3.69
N GLY A 187 -10.80 -0.01 -3.98
CA GLY A 187 -9.62 0.78 -4.27
C GLY A 187 -8.57 0.70 -3.15
N PRO A 188 -7.49 1.38 -3.26
CA PRO A 188 -6.36 1.11 -2.36
C PRO A 188 -6.43 1.94 -1.07
N HIS A 189 -5.77 1.49 -0.03
CA HIS A 189 -5.38 2.44 0.99
C HIS A 189 -3.91 2.20 1.31
N VAL A 190 -3.01 3.02 0.79
CA VAL A 190 -1.57 2.75 0.88
C VAL A 190 -0.89 3.82 1.67
N THR A 191 0.24 3.47 2.29
CA THR A 191 1.08 4.43 3.04
C THR A 191 2.44 4.35 2.38
N GLU A 192 3.06 5.49 2.10
CA GLU A 192 4.40 5.45 1.53
C GLU A 192 5.43 5.68 2.62
N VAL A 193 6.34 4.74 2.77
CA VAL A 193 7.55 5.04 3.48
C VAL A 193 8.68 5.42 2.53
N GLU A 194 8.79 6.71 2.25
CA GLU A 194 9.97 7.25 1.58
C GLU A 194 10.06 6.67 0.20
N GLY A 195 9.14 7.09 -0.68
CA GLY A 195 9.01 6.50 -2.02
C GLY A 195 8.12 5.26 -2.03
N THR A 196 8.71 4.14 -1.67
CA THR A 196 8.01 2.88 -1.68
C THR A 196 6.66 2.91 -0.95
N SER A 197 5.57 2.97 -1.72
CA SER A 197 4.22 2.87 -1.11
C SER A 197 3.89 1.41 -0.85
N PHE A 198 3.30 1.16 0.30
CA PHE A 198 2.82 -0.18 0.65
C PHE A 198 1.32 -0.19 0.93
N LEU A 199 0.65 -1.31 0.61
CA LEU A 199 -0.81 -1.41 0.73
C LEU A 199 -1.11 -1.74 2.19
N THR A 200 -2.05 -0.99 2.77
CA THR A 200 -2.49 -1.24 4.14
C THR A 200 -4.01 -0.97 4.29
N GLY A 201 -4.79 -1.72 3.52
CA GLY A 201 -6.23 -1.61 3.54
C GLY A 201 -6.79 -1.97 2.18
N ILE A 202 -8.05 -2.37 2.13
CA ILE A 202 -8.85 -2.37 0.91
C ILE A 202 -9.98 -1.41 1.27
N ILE A 203 -10.32 -0.44 0.43
CA ILE A 203 -11.34 0.50 0.90
C ILE A 203 -12.63 -0.30 0.89
N SER A 204 -13.36 -0.35 2.00
CA SER A 204 -14.40 -1.39 2.16
C SER A 204 -15.83 -0.85 2.14
N TRP A 205 -16.29 -0.32 3.26
CA TRP A 205 -17.67 0.16 3.38
C TRP A 205 -17.76 1.47 4.15
N GLY A 206 -18.91 1.73 4.76
CA GLY A 206 -19.06 2.89 5.62
C GLY A 206 -20.49 3.35 5.72
N GLU A 207 -21.04 3.45 6.93
CA GLU A 207 -22.39 3.99 7.11
C GLU A 207 -22.52 5.31 6.34
N GLU A 208 -22.82 5.21 5.05
CA GLU A 208 -22.82 6.35 4.13
C GLU A 208 -21.39 6.75 3.84
N CYS A 209 -21.23 7.87 3.12
CA CYS A 209 -19.92 8.41 2.78
C CYS A 209 -19.70 9.80 3.38
N ALA A 210 -18.50 10.03 3.90
CA ALA A 210 -18.08 11.36 4.32
C ALA A 210 -19.17 12.11 5.11
N VAL A 211 -19.80 11.40 6.03
CA VAL A 211 -20.88 11.97 6.82
C VAL A 211 -20.37 12.40 8.19
N LYS A 212 -20.39 13.70 8.44
CA LYS A 212 -19.94 14.28 9.70
C LYS A 212 -20.37 13.42 10.87
N GLY A 213 -19.39 12.86 11.57
CA GLY A 213 -19.68 12.04 12.73
C GLY A 213 -19.43 10.56 12.51
N LYS A 214 -19.74 10.08 11.31
CA LYS A 214 -19.46 8.70 10.95
C LYS A 214 -18.26 8.67 10.00
N TYR A 215 -17.47 7.60 10.07
CA TYR A 215 -16.27 7.49 9.25
C TYR A 215 -16.46 6.40 8.18
N GLY A 216 -15.48 6.26 7.29
CA GLY A 216 -15.47 5.11 6.39
C GLY A 216 -14.48 4.10 6.92
N ILE A 217 -14.69 2.81 6.65
CA ILE A 217 -13.85 1.79 7.25
C ILE A 217 -13.18 0.83 6.25
N TYR A 218 -12.03 0.27 6.66
CA TYR A 218 -11.09 -0.37 5.72
C TYR A 218 -10.60 -1.72 6.24
N THR A 219 -10.17 -2.56 5.31
CA THR A 219 -9.79 -3.93 5.64
C THR A 219 -8.38 -3.92 6.21
N LYS A 220 -8.04 -4.87 7.08
CA LYS A 220 -6.72 -4.89 7.67
C LYS A 220 -5.84 -5.95 7.03
N VAL A 221 -5.17 -5.52 5.96
CA VAL A 221 -4.37 -6.36 5.10
C VAL A 221 -3.27 -7.08 5.86
N SER A 222 -2.89 -6.52 7.01
CA SER A 222 -1.89 -7.15 7.89
C SER A 222 -2.20 -8.64 7.98
N ARG A 223 -3.50 -8.88 8.15
CA ARG A 223 -4.05 -10.20 8.35
C ARG A 223 -3.86 -11.06 7.10
N TYR A 224 -4.38 -10.58 5.97
CA TYR A 224 -4.46 -11.42 4.79
C TYR A 224 -3.14 -11.42 4.04
N VAL A 225 -2.21 -10.60 4.50
CA VAL A 225 -1.02 -10.32 3.72
C VAL A 225 -0.30 -11.60 3.28
N ASN A 226 0.15 -12.38 4.26
CA ASN A 226 0.78 -13.69 4.05
C ASN A 226 -0.01 -14.51 3.03
N TRP A 227 -1.32 -14.52 3.21
CA TRP A 227 -2.23 -15.19 2.30
C TRP A 227 -2.01 -14.63 0.88
N ILE A 228 -2.03 -13.31 0.75
CA ILE A 228 -1.78 -12.70 -0.56
C ILE A 228 -0.42 -13.19 -1.07
N LYS A 229 0.57 -13.10 -0.20
CA LYS A 229 1.93 -13.52 -0.54
C LYS A 229 1.92 -14.92 -1.13
N GLU A 230 1.23 -15.83 -0.45
CA GLU A 230 1.17 -17.21 -0.88
C GLU A 230 0.64 -17.31 -2.31
N LYS A 231 -0.60 -16.88 -2.49
CA LYS A 231 -1.36 -17.33 -3.66
C LYS A 231 -1.02 -16.62 -4.96
N THR A 232 -0.21 -15.57 -4.92
CA THR A 232 0.20 -14.91 -6.16
C THR A 232 1.63 -15.23 -6.60
N LYS A 233 2.21 -16.28 -6.01
CA LYS A 233 3.62 -16.58 -6.21
C LYS A 233 3.89 -17.07 -7.64
N LEU A 234 4.22 -16.16 -8.53
CA LEU A 234 4.57 -16.53 -9.88
C LEU A 234 5.80 -17.45 -9.89
N THR A 235 6.65 -17.29 -8.89
CA THR A 235 7.84 -18.13 -8.76
C THR A 235 7.47 -19.56 -8.39
N GLN B 50 42.14 12.61 15.24
CA GLN B 50 40.99 11.94 15.90
C GLN B 50 41.12 10.43 15.79
N CYS B 51 41.58 9.97 14.62
CA CYS B 51 41.35 8.58 14.21
C CYS B 51 42.48 7.61 14.56
N GLU B 52 43.50 8.14 15.26
CA GLU B 52 44.62 7.31 15.71
C GLU B 52 44.19 6.66 17.04
N PRO B 53 44.45 5.39 17.19
CA PRO B 53 43.72 4.31 16.49
C PRO B 53 42.21 4.57 16.42
N ASN B 54 41.52 3.83 15.55
CA ASN B 54 40.13 4.15 15.24
C ASN B 54 39.19 4.01 16.42
N PRO B 55 38.66 5.12 16.88
CA PRO B 55 37.64 5.25 17.91
C PRO B 55 36.33 4.59 17.52
N CYS B 56 36.03 4.59 16.20
CA CYS B 56 34.94 3.79 15.65
C CYS B 56 35.53 2.42 15.54
N LEU B 57 34.83 1.44 16.10
CA LEU B 57 35.26 0.06 16.07
C LEU B 57 34.16 -0.77 15.44
N ASN B 58 34.35 -2.08 15.38
CA ASN B 58 33.38 -2.95 14.73
C ASN B 58 33.37 -2.74 13.23
N GLY B 59 34.38 -2.05 12.74
CA GLY B 59 34.54 -1.87 11.31
C GLY B 59 34.18 -0.48 10.78
N GLY B 60 33.36 0.25 11.52
CA GLY B 60 32.99 1.59 11.10
C GLY B 60 34.19 2.44 10.70
N LEU B 61 33.92 3.69 10.35
CA LEU B 61 34.84 4.49 9.57
C LEU B 61 34.83 5.88 10.14
N CYS B 62 36.01 6.46 10.41
CA CYS B 62 36.10 7.74 11.12
C CYS B 62 36.36 8.86 10.16
N LYS B 63 35.33 9.63 9.86
CA LYS B 63 35.54 10.89 9.17
C LYS B 63 35.88 11.93 10.22
N ASP B 64 37.15 12.02 10.55
CA ASP B 64 37.62 13.01 11.50
C ASP B 64 37.51 14.42 10.92
N ASP B 65 37.43 15.40 11.80
CA ASP B 65 37.28 16.78 11.40
C ASP B 65 38.39 17.56 12.07
N ILE B 66 38.32 18.87 11.89
CA ILE B 66 39.02 19.81 12.74
C ILE B 66 38.65 19.52 14.21
N ASN B 67 37.56 20.11 14.67
CA ASN B 67 37.11 19.94 16.05
C ASN B 67 36.81 18.48 16.37
N SER B 68 35.93 17.87 15.58
CA SER B 68 35.26 16.67 16.02
C SER B 68 35.57 15.52 15.05
N TYR B 69 34.69 14.53 15.01
CA TYR B 69 34.87 13.33 14.20
C TYR B 69 33.63 12.47 14.45
N GLU B 70 33.18 11.72 13.44
CA GLU B 70 32.11 10.73 13.68
C GLU B 70 32.49 9.33 13.27
N CYS B 71 31.59 8.40 13.52
CA CYS B 71 31.81 7.04 13.07
C CYS B 71 30.75 6.52 12.13
N TRP B 72 31.03 6.58 10.84
CA TRP B 72 30.20 5.90 9.85
C TRP B 72 30.26 4.41 10.16
N CYS B 73 29.13 3.85 10.62
CA CYS B 73 29.14 2.71 11.55
C CYS B 73 29.18 1.27 11.02
N GLN B 74 28.43 1.00 9.94
CA GLN B 74 28.25 -0.36 9.39
C GLN B 74 27.04 -1.09 9.96
N VAL B 75 26.91 -2.37 9.61
CA VAL B 75 25.71 -3.11 9.96
C VAL B 75 25.99 -4.11 11.04
N GLY B 76 24.98 -4.31 11.87
CA GLY B 76 25.20 -4.96 13.14
C GLY B 76 25.31 -3.95 14.27
N PHE B 77 25.81 -2.75 13.97
CA PHE B 77 26.40 -1.90 15.01
C PHE B 77 25.90 -0.47 15.21
N GLU B 78 25.88 -0.07 16.49
CA GLU B 78 25.20 1.13 16.97
C GLU B 78 26.00 1.89 18.03
N GLY B 79 25.71 3.18 18.11
CA GLY B 79 26.25 4.02 19.16
C GLY B 79 27.64 4.61 18.88
N LYS B 80 27.65 5.88 18.46
CA LYS B 80 28.77 6.80 18.69
C LYS B 80 30.12 6.35 18.15
N ASN B 81 30.66 5.31 18.78
CA ASN B 81 31.92 4.72 18.36
C ASN B 81 31.68 3.32 17.83
N CYS B 82 30.48 3.12 17.27
CA CYS B 82 30.03 1.80 16.81
C CYS B 82 30.27 0.77 17.92
N GLU B 83 29.78 1.09 19.13
CA GLU B 83 30.14 0.30 20.32
C GLU B 83 29.15 -0.82 20.52
N LEU B 84 27.89 -0.45 20.65
CA LEU B 84 26.89 -1.41 21.08
C LEU B 84 26.23 -1.87 19.80
N ASP B 85 25.40 -2.90 19.90
CA ASP B 85 24.75 -3.49 18.74
C ASP B 85 23.57 -2.64 18.32
N ALA B 86 23.18 -2.83 17.08
CA ALA B 86 22.01 -2.19 16.55
C ALA B 86 20.85 -3.12 16.77
N THR B 87 19.68 -2.53 16.90
CA THR B 87 18.51 -3.26 17.34
C THR B 87 17.36 -2.83 16.48
N CYS B 88 16.46 -3.78 16.19
CA CYS B 88 15.39 -3.55 15.22
C CYS B 88 14.47 -2.41 15.64
N ASN B 89 14.61 -1.99 16.89
CA ASN B 89 13.85 -0.84 17.37
C ASN B 89 14.65 0.46 17.43
N ILE B 90 15.97 0.38 17.45
CA ILE B 90 16.72 1.60 17.30
C ILE B 90 16.88 1.94 15.81
N LYS B 91 16.12 2.96 15.43
CA LYS B 91 16.01 3.44 14.06
C LYS B 91 15.84 2.34 13.01
N ASN B 92 14.70 1.65 13.05
CA ASN B 92 14.41 0.54 12.12
C ASN B 92 15.48 -0.53 11.99
N GLY B 93 16.60 -0.40 12.71
CA GLY B 93 17.72 -1.30 12.51
C GLY B 93 18.76 -0.72 11.54
N ARG B 94 18.48 0.50 11.11
CA ARG B 94 19.22 1.16 10.07
C ARG B 94 19.02 0.51 8.70
N CYS B 95 18.14 -0.49 8.65
CA CYS B 95 17.70 -1.07 7.39
C CYS B 95 16.66 -0.17 6.76
N LYS B 96 16.64 -0.18 5.43
CA LYS B 96 15.85 0.78 4.67
C LYS B 96 14.45 0.27 4.43
N GLN B 97 14.24 -1.03 4.58
CA GLN B 97 12.89 -1.61 4.47
C GLN B 97 12.52 -2.39 5.71
N PHE B 98 12.99 -3.64 5.81
CA PHE B 98 12.60 -4.54 6.89
C PHE B 98 13.74 -4.87 7.82
N CYS B 99 13.51 -4.67 9.11
CA CYS B 99 14.46 -5.11 10.13
C CYS B 99 13.95 -6.37 10.74
N LYS B 100 14.82 -7.37 10.86
CA LYS B 100 14.54 -8.60 11.61
C LYS B 100 15.71 -8.77 12.58
N THR B 101 15.55 -9.68 13.54
CA THR B 101 16.65 -9.98 14.44
C THR B 101 17.41 -11.21 13.94
N GLY B 102 17.14 -12.38 14.51
CA GLY B 102 17.90 -13.57 14.15
C GLY B 102 18.26 -14.44 15.34
N ALA B 103 19.14 -15.42 15.10
CA ALA B 103 19.52 -16.43 16.11
C ALA B 103 20.19 -15.78 17.32
N ASP B 104 21.34 -15.17 17.06
CA ASP B 104 21.93 -14.13 17.91
C ASP B 104 20.89 -13.03 18.14
N SER B 105 21.31 -11.91 18.68
CA SER B 105 20.41 -10.77 18.76
C SER B 105 20.73 -9.72 17.70
N LYS B 106 21.62 -10.13 16.79
CA LYS B 106 22.16 -9.26 15.73
C LYS B 106 21.12 -9.21 14.65
N VAL B 107 21.13 -8.16 13.85
CA VAL B 107 19.99 -7.90 12.98
C VAL B 107 20.04 -8.63 11.63
N LEU B 108 19.09 -8.29 10.76
CA LEU B 108 19.00 -8.82 9.41
C LEU B 108 18.02 -7.96 8.59
N CYS B 109 18.56 -6.98 7.89
CA CYS B 109 17.81 -6.18 6.92
C CYS B 109 17.35 -7.01 5.71
N SER B 110 16.34 -6.50 5.00
CA SER B 110 15.85 -7.15 3.79
C SER B 110 14.61 -6.45 3.18
N CYS B 111 14.14 -7.00 2.06
CA CYS B 111 13.32 -6.25 1.14
C CYS B 111 12.09 -7.04 0.67
N THR B 112 11.08 -6.31 0.23
CA THR B 112 9.96 -6.88 -0.49
C THR B 112 10.43 -7.60 -1.76
N THR B 113 9.74 -8.69 -2.06
CA THR B 113 9.64 -9.19 -3.43
C THR B 113 9.83 -8.08 -4.47
N GLY B 114 10.92 -8.12 -5.23
CA GLY B 114 11.10 -7.13 -6.27
C GLY B 114 12.34 -6.26 -6.04
N TYR B 115 12.67 -6.01 -4.78
CA TYR B 115 13.88 -5.30 -4.43
C TYR B 115 14.99 -6.24 -3.94
N ARG B 116 16.21 -5.74 -3.85
CA ARG B 116 17.38 -6.55 -3.53
C ARG B 116 18.27 -5.75 -2.60
N LEU B 117 18.74 -6.39 -1.55
CA LEU B 117 19.36 -5.66 -0.48
C LEU B 117 20.74 -5.48 -0.97
N ALA B 118 21.15 -4.23 -1.08
CA ALA B 118 22.44 -3.82 -1.65
C ALA B 118 23.63 -4.45 -0.90
N PRO B 119 24.87 -4.17 -1.28
CA PRO B 119 25.92 -4.95 -0.64
C PRO B 119 26.31 -4.36 0.73
N ASP B 120 25.86 -3.12 0.95
CA ASP B 120 26.04 -2.43 2.23
C ASP B 120 25.12 -3.03 3.26
N GLN B 121 24.04 -3.63 2.77
CA GLN B 121 23.18 -4.48 3.56
C GLN B 121 22.18 -3.71 4.41
N LYS B 122 21.63 -2.65 3.84
CA LYS B 122 20.70 -1.79 4.55
C LYS B 122 19.70 -1.25 3.54
N SER B 123 20.23 -0.65 2.47
CA SER B 123 19.38 0.00 1.50
C SER B 123 18.90 -1.01 0.46
N CYS B 124 17.75 -0.73 -0.11
CA CYS B 124 17.14 -1.66 -1.02
C CYS B 124 17.28 -1.11 -2.42
N LYS B 125 17.65 -1.97 -3.37
CA LYS B 125 17.76 -1.62 -4.79
C LYS B 125 16.71 -2.40 -5.53
N PRO B 126 16.03 -1.78 -6.44
CA PRO B 126 15.16 -2.52 -7.36
C PRO B 126 15.92 -3.64 -8.02
N ALA B 127 15.27 -4.79 -8.15
CA ALA B 127 15.91 -5.95 -8.76
C ALA B 127 15.14 -6.44 -9.98
N VAL B 128 14.15 -5.66 -10.41
CA VAL B 128 13.40 -6.00 -11.60
C VAL B 128 13.02 -4.68 -12.23
N PRO B 129 12.70 -4.68 -13.41
CA PRO B 129 12.60 -3.41 -14.14
C PRO B 129 11.67 -2.44 -13.47
N PHE B 130 10.44 -2.88 -13.19
CA PHE B 130 9.41 -1.97 -12.78
C PHE B 130 8.91 -2.18 -11.36
N PRO B 131 9.52 -1.59 -10.39
CA PRO B 131 9.50 -2.18 -9.05
C PRO B 131 8.24 -1.70 -8.32
N CYS B 132 7.89 -2.42 -7.26
CA CYS B 132 6.60 -2.25 -6.59
C CYS B 132 6.40 -0.93 -5.86
N GLY B 133 5.32 -0.22 -6.19
CA GLY B 133 4.90 0.91 -5.41
C GLY B 133 5.72 2.19 -5.55
N ARG B 134 6.57 2.27 -6.57
CA ARG B 134 7.23 3.55 -6.87
C ARG B 134 6.47 4.23 -8.00
N VAL B 135 6.27 5.54 -7.92
CA VAL B 135 5.89 6.32 -9.10
C VAL B 135 7.13 6.48 -10.01
N SER B 136 6.91 6.39 -11.33
CA SER B 136 8.01 6.40 -12.31
C SER B 136 7.89 7.40 -13.45
N VAL B 137 6.78 8.11 -13.57
CA VAL B 137 6.74 9.29 -14.43
C VAL B 137 7.68 10.35 -13.88
N SER B 138 7.38 10.83 -12.67
CA SER B 138 8.09 11.96 -12.08
C SER B 138 9.41 11.56 -11.40
N HIS B 139 10.29 10.91 -12.15
CA HIS B 139 11.63 10.61 -11.66
C HIS B 139 12.56 10.21 -12.78
N SER B 140 12.00 9.65 -13.84
CA SER B 140 12.78 9.28 -15.02
C SER B 140 13.23 10.53 -15.77
N PRO B 141 14.38 10.49 -16.37
CA PRO B 141 15.51 9.64 -15.98
C PRO B 141 16.16 10.07 -14.67
N THR B 142 16.23 11.38 -14.45
CA THR B 142 16.82 11.93 -13.24
C THR B 142 16.07 13.21 -12.85
N THR B 143 14.81 13.05 -12.49
CA THR B 143 13.94 14.19 -12.23
C THR B 143 13.29 14.03 -10.86
N LEU B 144 12.98 15.16 -10.23
CA LEU B 144 12.26 15.16 -8.95
C LEU B 144 10.99 16.00 -9.10
N THR B 145 9.95 15.63 -8.35
CA THR B 145 8.71 16.40 -8.35
C THR B 145 8.95 17.77 -7.74
N ARG B 146 9.26 18.75 -8.59
CA ARG B 146 9.50 20.11 -8.15
C ARG B 146 8.20 20.79 -7.71
C1 187 C . -16.82 2.96 1.13
C2 187 C . -17.58 2.02 0.43
C3 187 C . -18.98 2.22 0.35
C4 187 C . -19.67 3.31 0.95
C5 187 C . -18.85 4.19 1.73
C6 187 C . -17.45 4.02 1.80
C20 187 C . -16.63 4.90 2.68
N3 187 C . -17.32 5.66 3.53
N4 187 C . -15.27 4.90 2.61
N1 187 C . -21.05 3.57 0.66
N6 187 C . -21.51 4.54 -0.18
N5 187 C . -23.10 1.51 2.69
C7 187 C . -22.88 0.57 3.70
C44 187 C . -23.32 0.89 4.98
C14 187 C . -23.28 -0.11 6.00
C16 187 C . -22.76 -1.39 5.70
N7 187 C . -22.36 -2.21 6.69
C18 187 C . -22.32 -1.72 4.40
C22 187 C . -22.37 -0.72 3.40
C9 187 C . -22.26 -3.58 6.72
C15 187 C . -21.78 -1.67 7.76
C23 187 C . -21.57 -3.88 8.01
N2 187 C . -21.29 -2.66 8.55
C13 187 C . -22.14 2.94 1.16
C12 187 C . -23.33 3.55 0.66
C8 187 C . -22.10 1.85 1.97
C10 187 C . -22.85 4.58 -0.22
O3 187 C . -21.06 1.20 2.01
C11 187 C . -23.63 5.65 -0.98
F1 187 C . -22.95 6.58 -1.55
F3 187 C . -24.56 6.20 -0.30
F2 187 C . -24.14 5.06 -1.96
C17 187 C . -21.39 -5.18 8.51
C21 187 C . -21.89 -6.22 7.74
C25 187 C . -22.53 -5.94 6.47
C27 187 C . -22.70 -4.63 5.94
F4 187 C . -23.76 2.11 5.14
#